data_3UA7
#
_entry.id   3UA7
#
_cell.length_a   51.390
_cell.length_b   51.390
_cell.length_c   185.590
_cell.angle_alpha   90.000
_cell.angle_beta   90.000
_cell.angle_gamma   90.000
#
_symmetry.space_group_name_H-M   'P 41 21 2'
#
loop_
_entity.id
_entity.type
_entity.pdbx_description
1 polymer 'Tyrosine-protein kinase Fyn'
2 polymer 'Non-structural protein 5A'
3 non-polymer GLYCEROL
4 non-polymer 'CHLORIDE ION'
5 non-polymer 'SODIUM ION'
6 non-polymer 'ZINC ION'
7 non-polymer 'FORMIC ACID'
8 water water
#
loop_
_entity_poly.entity_id
_entity_poly.type
_entity_poly.pdbx_seq_one_letter_code
_entity_poly.pdbx_strand_id
1 'polypeptide(L)' MGTGVTLFVALYDYEARTEDDLSFHKGEKFQILNSSEGDWWEARSLTTGETGYIPSNYVAPVDS A,B,C,D
2 'polypeptide(L)' (ACE)APPIPPPRRKR E,F
#
loop_
_chem_comp.id
_chem_comp.type
_chem_comp.name
_chem_comp.formula
ACE non-polymer 'ACETYL GROUP' 'C2 H4 O'
CL non-polymer 'CHLORIDE ION' 'Cl -1'
FMT non-polymer 'FORMIC ACID' 'C H2 O2'
GOL non-polymer GLYCEROL 'C3 H8 O3'
NA non-polymer 'SODIUM ION' 'Na 1'
ZN non-polymer 'ZINC ION' 'Zn 2'
#
# COMPACT_ATOMS: atom_id res chain seq x y z
N GLY A 2 2.98 -9.72 2.46
CA GLY A 2 1.51 -9.95 2.46
C GLY A 2 1.11 -10.42 1.09
N THR A 3 -0.20 -10.34 0.84
CA THR A 3 -0.82 -10.88 -0.40
C THR A 3 -0.85 -9.88 -1.58
N GLY A 4 -0.58 -8.59 -1.31
CA GLY A 4 -0.39 -7.59 -2.35
C GLY A 4 -1.29 -6.38 -2.09
N VAL A 5 -2.42 -6.59 -1.41
CA VAL A 5 -3.35 -5.48 -1.13
C VAL A 5 -2.72 -4.48 -0.20
N THR A 6 -2.98 -3.19 -0.43
CA THR A 6 -2.51 -2.18 0.52
C THR A 6 -3.21 -2.37 1.84
N LEU A 7 -2.44 -2.38 2.93
CA LEU A 7 -3.04 -2.48 4.26
C LEU A 7 -2.58 -1.29 5.12
N PHE A 8 -3.47 -0.86 6.03
CA PHE A 8 -3.16 0.17 7.02
C PHE A 8 -3.22 -0.42 8.38
N VAL A 9 -2.51 0.19 9.34
CA VAL A 9 -2.55 -0.29 10.69
C VAL A 9 -3.03 0.83 11.65
N ALA A 10 -3.80 0.45 12.65
CA ALA A 10 -4.19 1.44 13.68
C ALA A 10 -3.06 1.90 14.55
N LEU A 11 -2.93 3.22 14.71
CA LEU A 11 -1.94 3.79 15.65
C LEU A 11 -2.43 3.93 17.09
N TYR A 12 -3.75 3.83 17.29
CA TYR A 12 -4.39 4.08 18.59
C TYR A 12 -5.66 3.26 18.60
N ASP A 13 -6.16 2.97 19.81
CA ASP A 13 -7.54 2.50 19.95
C ASP A 13 -8.57 3.56 19.50
N TYR A 14 -9.69 3.09 18.96
CA TYR A 14 -10.82 4.00 18.64
C TYR A 14 -12.18 3.38 19.00
N GLU A 15 -13.07 4.17 19.60
CA GLU A 15 -14.44 3.72 19.92
C GLU A 15 -15.40 4.38 18.94
N ALA A 16 -16.30 3.61 18.32
CA ALA A 16 -17.19 4.11 17.26
C ALA A 16 -18.20 5.18 17.75
N ARG A 17 -18.54 6.18 16.91
CA ARG A 17 -19.42 7.30 17.35
C ARG A 17 -20.68 7.53 16.47
N THR A 18 -20.87 6.62 15.52
CA THR A 18 -22.13 6.48 14.80
C THR A 18 -22.25 4.99 14.48
N GLU A 19 -23.45 4.56 14.13
CA GLU A 19 -23.66 3.15 13.79
C GLU A 19 -22.80 2.75 12.58
N ASP A 20 -22.42 3.74 11.78
CA ASP A 20 -21.64 3.45 10.58
C ASP A 20 -20.12 3.44 10.87
N ASP A 21 -19.68 3.76 12.05
CA ASP A 21 -18.25 3.76 12.37
C ASP A 21 -17.77 2.34 12.79
N LEU A 22 -16.47 2.06 12.68
CA LEU A 22 -15.89 0.86 13.24
C LEU A 22 -15.16 1.13 14.55
N SER A 23 -15.31 0.30 15.57
CA SER A 23 -14.45 0.32 16.74
C SER A 23 -13.18 -0.54 16.46
N PHE A 24 -12.01 -0.16 16.96
CA PHE A 24 -10.82 -0.99 16.69
C PHE A 24 -9.75 -0.78 17.77
N HIS A 25 -8.76 -1.69 17.82
CA HIS A 25 -7.61 -1.63 18.75
C HIS A 25 -6.43 -1.13 17.96
N LYS A 26 -5.53 -0.49 18.70
CA LYS A 26 -4.18 -0.25 18.18
C LYS A 26 -3.67 -1.58 17.58
N GLY A 27 -3.01 -1.51 16.43
CA GLY A 27 -2.48 -2.75 15.82
C GLY A 27 -3.43 -3.45 14.85
N GLU A 28 -4.69 -3.06 14.85
CA GLU A 28 -5.64 -3.55 13.84
C GLU A 28 -5.21 -3.24 12.42
N LYS A 29 -5.43 -4.17 11.48
CA LYS A 29 -5.12 -3.91 10.07
C LYS A 29 -6.39 -3.72 9.30
N PHE A 30 -6.32 -2.93 8.25
CA PHE A 30 -7.50 -2.60 7.44
C PHE A 30 -7.18 -2.63 5.97
N GLN A 31 -8.13 -3.03 5.16
CA GLN A 31 -8.17 -2.61 3.76
C GLN A 31 -8.99 -1.32 3.67
N ILE A 32 -8.53 -0.36 2.88
CA ILE A 32 -9.30 0.88 2.84
C ILE A 32 -10.21 0.80 1.60
N LEU A 33 -11.50 1.05 1.78
CA LEU A 33 -12.47 0.92 0.69
C LEU A 33 -12.86 2.27 0.02
N ASN A 34 -12.80 3.33 0.80
CA ASN A 34 -13.10 4.64 0.23
C ASN A 34 -12.36 5.67 1.03
N SER A 35 -11.49 6.42 0.37
CA SER A 35 -10.80 7.52 1.03
C SER A 35 -11.11 8.82 0.31
N SER A 36 -12.18 8.84 -0.48
CA SER A 36 -12.51 9.97 -1.36
C SER A 36 -13.45 11.01 -0.75
N GLU A 37 -14.19 10.62 0.25
CA GLU A 37 -15.16 11.54 0.76
C GLU A 37 -14.75 12.07 2.06
N GLY A 38 -13.56 12.59 2.10
CA GLY A 38 -13.20 13.30 3.26
C GLY A 38 -12.33 12.50 4.16
N ASP A 39 -12.20 12.95 5.38
CA ASP A 39 -11.10 12.46 6.26
C ASP A 39 -11.49 11.27 7.11
N TRP A 40 -12.74 10.91 7.02
CA TRP A 40 -13.29 9.65 7.56
C TRP A 40 -13.29 8.68 6.37
N TRP A 41 -12.55 7.60 6.51
CA TRP A 41 -12.40 6.66 5.43
C TRP A 41 -13.23 5.42 5.70
N GLU A 42 -13.79 4.82 4.67
CA GLU A 42 -14.49 3.55 4.89
C GLU A 42 -13.46 2.44 4.77
N ALA A 43 -13.50 1.51 5.71
CA ALA A 43 -12.45 0.50 5.85
C ALA A 43 -13.09 -0.87 6.18
N ARG A 44 -12.33 -1.94 5.91
CA ARG A 44 -12.66 -3.29 6.41
C ARG A 44 -11.57 -3.73 7.42
N SER A 45 -11.96 -4.13 8.62
CA SER A 45 -11.07 -4.59 9.68
C SER A 45 -10.69 -6.03 9.34
N LEU A 46 -9.40 -6.38 9.41
CA LEU A 46 -9.00 -7.77 9.09
C LEU A 46 -9.42 -8.72 10.20
N THR A 47 -9.18 -8.40 11.49
CA THR A 47 -9.43 -9.40 12.53
C THR A 47 -10.92 -9.62 12.69
N THR A 48 -11.79 -8.62 12.37
CA THR A 48 -13.22 -8.81 12.54
C THR A 48 -14.00 -8.99 11.25
N GLY A 49 -13.44 -8.56 10.12
CA GLY A 49 -14.20 -8.57 8.87
C GLY A 49 -15.26 -7.49 8.78
N GLU A 50 -15.44 -6.67 9.81
CA GLU A 50 -16.52 -5.62 9.74
C GLU A 50 -16.07 -4.44 8.85
N THR A 51 -17.02 -3.73 8.26
CA THR A 51 -16.71 -2.51 7.49
C THR A 51 -17.37 -1.31 8.14
N GLY A 52 -16.72 -0.16 7.96
CA GLY A 52 -17.30 1.05 8.53
C GLY A 52 -16.35 2.21 8.41
N TYR A 53 -16.79 3.41 8.83
CA TYR A 53 -15.84 4.53 8.82
C TYR A 53 -14.80 4.48 9.91
N ILE A 54 -13.62 5.01 9.61
CA ILE A 54 -12.58 5.16 10.62
C ILE A 54 -11.98 6.57 10.45
N PRO A 55 -11.45 7.12 11.55
CA PRO A 55 -10.77 8.42 11.40
C PRO A 55 -9.40 8.16 10.76
N SER A 56 -9.15 8.83 9.64
CA SER A 56 -7.91 8.59 8.90
C SER A 56 -6.59 8.95 9.60
N ASN A 57 -6.66 9.88 10.56
CA ASN A 57 -5.51 10.18 11.40
C ASN A 57 -5.13 9.10 12.37
N TYR A 58 -6.00 8.07 12.54
CA TYR A 58 -5.71 6.98 13.47
C TYR A 58 -4.96 5.81 12.78
N VAL A 59 -4.65 5.93 11.48
CA VAL A 59 -3.99 4.82 10.74
C VAL A 59 -2.81 5.26 9.94
N ALA A 60 -1.94 4.28 9.65
CA ALA A 60 -0.73 4.54 8.84
C ALA A 60 -0.50 3.29 7.98
N PRO A 61 0.11 3.47 6.80
CA PRO A 61 0.35 2.25 5.96
C PRO A 61 1.28 1.27 6.63
N VAL A 62 1.03 -0.02 6.42
CA VAL A 62 1.78 -1.09 7.08
C VAL A 62 3.23 -1.17 6.61
N ASP A 63 3.45 -0.77 5.37
CA ASP A 63 4.79 -0.79 4.78
C ASP A 63 5.79 -0.04 5.67
N SER A 64 5.43 1.18 6.05
CA SER A 64 6.29 2.01 6.89
C SER A 64 6.68 3.30 6.19
N GLY B 2 -1.20 -0.49 -11.34
CA GLY B 2 0.21 -0.04 -11.13
C GLY B 2 1.15 -1.23 -11.03
N THR B 3 2.35 -0.96 -10.52
CA THR B 3 3.40 -2.01 -10.45
C THR B 3 3.39 -2.86 -9.16
N GLY B 4 2.60 -2.43 -8.16
CA GLY B 4 2.42 -3.23 -6.96
C GLY B 4 2.60 -2.38 -5.69
N VAL B 5 3.61 -1.52 -5.72
CA VAL B 5 3.89 -0.67 -4.57
C VAL B 5 2.65 0.16 -4.18
N THR B 6 2.49 0.30 -2.85
CA THR B 6 1.43 1.20 -2.36
C THR B 6 1.78 2.65 -2.72
N LEU B 7 0.84 3.34 -3.35
CA LEU B 7 1.05 4.76 -3.65
C LEU B 7 -0.03 5.63 -2.99
N PHE B 8 0.39 6.82 -2.59
CA PHE B 8 -0.49 7.85 -2.05
C PHE B 8 -0.60 9.00 -3.02
N VAL B 9 -1.73 9.72 -2.97
CA VAL B 9 -1.92 10.88 -3.81
C VAL B 9 -2.21 12.11 -2.89
N ALA B 10 -1.64 13.23 -3.32
CA ALA B 10 -1.83 14.50 -2.61
C ALA B 10 -3.24 15.00 -2.86
N LEU B 11 -3.98 15.31 -1.78
CA LEU B 11 -5.30 15.89 -1.89
C LEU B 11 -5.27 17.42 -2.09
N TYR B 12 -4.13 18.04 -1.69
CA TYR B 12 -4.00 19.49 -1.70
C TYR B 12 -2.54 19.81 -2.02
N ASP B 13 -2.28 21.06 -2.42
CA ASP B 13 -0.91 21.57 -2.50
C ASP B 13 -0.33 21.69 -1.09
N TYR B 14 0.99 21.60 -0.98
CA TYR B 14 1.74 21.87 0.24
C TYR B 14 3.04 22.54 -0.05
N GLU B 15 3.33 23.59 0.76
CA GLU B 15 4.58 24.35 0.65
C GLU B 15 5.53 23.97 1.78
N ALA B 16 6.74 23.57 1.42
CA ALA B 16 7.69 23.14 2.44
C ALA B 16 8.18 24.34 3.21
N ARG B 17 8.33 24.20 4.52
CA ARG B 17 8.91 25.31 5.28
C ARG B 17 9.96 24.88 6.27
N THR B 18 10.52 23.68 6.08
CA THR B 18 11.77 23.30 6.71
C THR B 18 12.65 22.58 5.68
N GLU B 19 13.93 22.46 6.02
CA GLU B 19 14.94 21.90 5.12
C GLU B 19 14.57 20.49 4.67
N ASP B 20 13.81 19.81 5.53
CA ASP B 20 13.57 18.39 5.44
C ASP B 20 12.20 18.04 4.88
N ASP B 21 11.34 19.02 4.60
CA ASP B 21 9.99 18.73 4.02
C ASP B 21 10.03 18.73 2.51
N LEU B 22 8.99 18.12 1.87
CA LEU B 22 8.80 18.19 0.44
C LEU B 22 7.68 19.13 0.18
N SER B 23 7.86 20.02 -0.77
CA SER B 23 6.73 20.77 -1.36
C SER B 23 6.09 19.82 -2.42
N PHE B 24 4.79 19.95 -2.64
CA PHE B 24 4.13 19.12 -3.64
C PHE B 24 2.81 19.76 -4.08
N HIS B 25 2.35 19.35 -5.25
CA HIS B 25 1.09 19.82 -5.83
C HIS B 25 -0.02 18.78 -5.60
N LYS B 26 -1.25 19.24 -5.59
CA LYS B 26 -2.39 18.30 -5.56
C LYS B 26 -2.23 17.35 -6.75
N GLY B 27 -2.47 16.08 -6.49
CA GLY B 27 -2.31 15.07 -7.52
C GLY B 27 -0.94 14.40 -7.62
N GLU B 28 0.02 14.89 -6.84
CA GLU B 28 1.31 14.21 -6.77
C GLU B 28 1.17 12.83 -6.13
N LYS B 29 1.97 11.86 -6.61
CA LYS B 29 1.93 10.53 -6.00
C LYS B 29 3.21 10.32 -5.19
N PHE B 30 3.17 9.42 -4.23
CA PHE B 30 4.33 9.19 -3.34
C PHE B 30 4.37 7.74 -2.97
N GLN B 31 5.59 7.24 -2.85
CA GLN B 31 5.88 6.10 -2.00
C GLN B 31 6.12 6.61 -0.59
N ILE B 32 5.47 5.98 0.39
CA ILE B 32 5.75 6.33 1.82
C ILE B 32 6.91 5.51 2.36
N LEU B 33 7.95 6.19 2.86
CA LEU B 33 9.14 5.51 3.39
C LEU B 33 9.17 5.31 4.89
N ASN B 34 8.50 6.22 5.59
CA ASN B 34 8.45 6.09 7.05
C ASN B 34 7.19 6.76 7.59
N SER B 35 6.29 5.97 8.17
CA SER B 35 5.10 6.53 8.78
C SER B 35 5.10 6.26 10.27
N SER B 36 6.27 6.02 10.87
CA SER B 36 6.34 5.52 12.25
C SER B 36 6.51 6.59 13.32
N GLU B 37 6.89 7.79 12.91
CA GLU B 37 7.31 8.81 13.88
C GLU B 37 6.39 10.00 13.72
N GLY B 38 5.09 9.73 13.77
CA GLY B 38 4.15 10.79 14.02
C GLY B 38 3.50 11.23 12.73
N ASP B 39 2.75 12.32 12.78
CA ASP B 39 1.87 12.72 11.68
C ASP B 39 2.60 13.07 10.37
N TRP B 40 3.89 13.38 10.48
CA TRP B 40 4.70 13.80 9.34
C TRP B 40 5.39 12.54 8.87
N TRP B 41 5.09 12.16 7.62
CA TRP B 41 5.66 10.92 7.07
C TRP B 41 6.78 11.23 6.07
N GLU B 42 7.85 10.40 6.08
CA GLU B 42 8.88 10.59 5.05
C GLU B 42 8.37 9.93 3.75
N ALA B 43 8.50 10.60 2.63
CA ALA B 43 7.93 10.11 1.38
C ALA B 43 8.91 10.37 0.23
N ARG B 44 8.65 9.68 -0.90
CA ARG B 44 9.37 9.97 -2.16
C ARG B 44 8.33 10.41 -3.14
N SER B 45 8.55 11.59 -3.73
CA SER B 45 7.63 12.10 -4.72
C SER B 45 7.88 11.38 -6.09
N LEU B 46 6.83 10.95 -6.78
CA LEU B 46 7.04 10.29 -8.09
C LEU B 46 7.44 11.24 -9.21
N THR B 47 6.85 12.43 -9.31
CA THR B 47 7.20 13.27 -10.48
C THR B 47 8.59 13.85 -10.33
N THR B 48 9.10 14.01 -9.10
CA THR B 48 10.40 14.69 -8.94
C THR B 48 11.46 13.72 -8.44
N GLY B 49 11.06 12.61 -7.80
CA GLY B 49 12.02 11.65 -7.22
C GLY B 49 12.70 12.16 -5.97
N GLU B 50 12.30 13.33 -5.48
CA GLU B 50 12.89 13.87 -4.20
C GLU B 50 12.22 13.22 -2.99
N THR B 51 12.93 13.22 -1.87
CA THR B 51 12.38 12.68 -0.63
C THR B 51 12.37 13.72 0.47
N GLY B 52 11.39 13.55 1.36
CA GLY B 52 11.31 14.39 2.55
C GLY B 52 9.99 14.21 3.26
N TYR B 53 9.74 14.99 4.31
CA TYR B 53 8.55 14.85 5.12
C TYR B 53 7.35 15.58 4.50
N ILE B 54 6.19 14.96 4.65
CA ILE B 54 4.92 15.49 4.18
C ILE B 54 3.91 15.36 5.34
N PRO B 55 2.89 16.23 5.32
CA PRO B 55 1.89 16.13 6.39
C PRO B 55 0.95 15.00 5.97
N SER B 56 0.78 14.01 6.83
CA SER B 56 -0.04 12.84 6.50
C SER B 56 -1.50 13.15 6.16
N ASN B 57 -2.05 14.24 6.73
CA ASN B 57 -3.42 14.57 6.45
C ASN B 57 -3.65 15.13 5.10
N TYR B 58 -2.57 15.37 4.36
CA TYR B 58 -2.69 15.90 3.01
C TYR B 58 -2.70 14.80 1.91
N VAL B 59 -2.65 13.54 2.33
CA VAL B 59 -2.60 12.47 1.32
C VAL B 59 -3.61 11.39 1.59
N ALA B 60 -3.90 10.60 0.56
CA ALA B 60 -4.78 9.41 0.71
C ALA B 60 -4.24 8.30 -0.20
N PRO B 61 -4.59 7.02 0.07
CA PRO B 61 -4.10 5.94 -0.80
C PRO B 61 -4.76 6.07 -2.18
N VAL B 62 -4.05 5.65 -3.23
CA VAL B 62 -4.53 5.86 -4.61
C VAL B 62 -5.63 4.90 -4.99
N ASP B 63 -5.70 3.79 -4.32
CA ASP B 63 -6.61 2.73 -4.82
C ASP B 63 -8.09 2.94 -4.49
N SER B 64 -8.33 3.75 -3.45
CA SER B 64 -9.57 3.88 -2.68
C SER B 64 -10.20 5.24 -3.03
N GLY C 4 -21.31 2.67 3.15
CA GLY C 4 -21.24 3.23 1.77
C GLY C 4 -20.96 2.11 0.81
N VAL C 5 -19.67 1.77 0.64
CA VAL C 5 -19.20 0.91 -0.44
C VAL C 5 -19.86 -0.48 -0.31
N THR C 6 -20.29 -1.08 -1.42
CA THR C 6 -20.81 -2.46 -1.37
C THR C 6 -19.67 -3.34 -1.82
N LEU C 7 -19.21 -4.18 -0.91
CA LEU C 7 -18.26 -5.22 -1.29
C LEU C 7 -18.94 -6.38 -1.99
N PHE C 8 -18.20 -7.02 -2.93
CA PHE C 8 -18.62 -8.22 -3.58
C PHE C 8 -17.73 -9.40 -3.23
N VAL C 9 -18.29 -10.59 -3.23
CA VAL C 9 -17.53 -11.78 -2.95
C VAL C 9 -17.59 -12.75 -4.14
N ALA C 10 -16.45 -13.35 -4.46
CA ALA C 10 -16.35 -14.38 -5.49
C ALA C 10 -17.07 -15.66 -5.02
N LEU C 11 -18.02 -16.09 -5.87
CA LEU C 11 -18.78 -17.31 -5.62
C LEU C 11 -18.06 -18.59 -6.10
N TYR C 12 -17.10 -18.43 -7.00
CA TYR C 12 -16.40 -19.50 -7.73
C TYR C 12 -15.01 -19.05 -8.02
N ASP C 13 -14.06 -19.98 -8.09
CA ASP C 13 -12.79 -19.70 -8.76
C ASP C 13 -12.95 -19.29 -10.19
N TYR C 14 -12.05 -18.43 -10.61
CA TYR C 14 -11.99 -18.03 -11.99
C TYR C 14 -10.53 -17.87 -12.52
N GLU C 15 -10.26 -18.47 -13.68
CA GLU C 15 -8.97 -18.29 -14.33
C GLU C 15 -9.05 -17.26 -15.45
N ALA C 16 -8.12 -16.30 -15.45
CA ALA C 16 -8.17 -15.23 -16.46
C ALA C 16 -7.98 -15.80 -17.87
N ARG C 17 -8.79 -15.31 -18.80
CA ARG C 17 -8.63 -15.68 -20.20
C ARG C 17 -7.89 -14.67 -21.08
N THR C 18 -7.66 -13.45 -20.59
CA THR C 18 -6.96 -12.40 -21.33
C THR C 18 -6.06 -11.61 -20.38
N GLU C 19 -5.19 -10.77 -20.93
CA GLU C 19 -4.28 -9.94 -20.13
C GLU C 19 -5.03 -8.94 -19.24
N ASP C 20 -6.26 -8.61 -19.62
CA ASP C 20 -7.00 -7.52 -19.03
C ASP C 20 -7.92 -8.01 -17.90
N ASP C 21 -8.14 -9.33 -17.83
CA ASP C 21 -8.94 -9.96 -16.76
C ASP C 21 -8.17 -10.28 -15.49
N LEU C 22 -8.91 -10.39 -14.39
CA LEU C 22 -8.32 -10.93 -13.16
C LEU C 22 -8.61 -12.38 -12.99
N SER C 23 -7.63 -13.12 -12.52
CA SER C 23 -7.92 -14.44 -11.97
C SER C 23 -8.32 -14.23 -10.48
N PHE C 24 -9.15 -15.11 -9.96
CA PHE C 24 -9.46 -15.05 -8.53
C PHE C 24 -9.86 -16.40 -7.97
N HIS C 25 -10.02 -16.40 -6.66
CA HIS C 25 -10.46 -17.53 -5.90
C HIS C 25 -11.77 -17.27 -5.22
N LYS C 26 -12.57 -18.32 -5.13
CA LYS C 26 -13.78 -18.30 -4.32
C LYS C 26 -13.48 -17.69 -2.97
N GLY C 27 -14.37 -16.78 -2.55
CA GLY C 27 -14.27 -16.19 -1.22
C GLY C 27 -13.49 -14.88 -1.19
N GLU C 28 -12.68 -14.61 -2.21
CA GLU C 28 -12.03 -13.29 -2.29
C GLU C 28 -13.08 -12.17 -2.42
N LYS C 29 -12.77 -11.02 -1.80
CA LYS C 29 -13.60 -9.85 -1.79
C LYS C 29 -13.10 -8.83 -2.81
N PHE C 30 -14.02 -8.05 -3.37
CA PHE C 30 -13.68 -7.06 -4.38
C PHE C 30 -14.42 -5.78 -4.11
N GLN C 31 -13.79 -4.72 -4.54
CA GLN C 31 -14.61 -3.59 -4.82
C GLN C 31 -14.69 -3.25 -6.30
N ILE C 32 -15.88 -2.80 -6.71
CA ILE C 32 -16.08 -2.53 -8.12
C ILE C 32 -15.73 -1.09 -8.50
N LEU C 33 -14.92 -0.98 -9.52
CA LEU C 33 -14.43 0.32 -9.98
C LEU C 33 -15.30 0.89 -11.09
N ASN C 34 -15.82 0.00 -11.94
CA ASN C 34 -16.57 0.32 -13.17
C ASN C 34 -17.46 -0.86 -13.63
N SER C 35 -18.79 -0.68 -13.53
CA SER C 35 -19.76 -1.65 -14.00
C SER C 35 -20.53 -1.16 -15.23
N SER C 36 -19.90 -0.32 -16.04
CA SER C 36 -20.54 0.35 -17.19
C SER C 36 -20.24 -0.27 -18.56
N GLU C 37 -19.49 -1.35 -18.60
CA GLU C 37 -18.93 -1.83 -19.88
C GLU C 37 -19.49 -3.19 -20.28
N GLY C 38 -20.67 -3.51 -19.75
CA GLY C 38 -21.32 -4.78 -20.04
C GLY C 38 -21.29 -5.66 -18.80
N ASP C 39 -21.20 -6.98 -19.05
CA ASP C 39 -21.23 -8.00 -18.01
C ASP C 39 -19.86 -8.26 -17.42
N TRP C 40 -18.84 -7.57 -17.93
CA TRP C 40 -17.50 -7.62 -17.31
C TRP C 40 -17.34 -6.34 -16.55
N TRP C 41 -16.96 -6.45 -15.29
CA TRP C 41 -16.85 -5.31 -14.42
C TRP C 41 -15.37 -5.11 -14.11
N GLU C 42 -14.90 -3.85 -14.04
CA GLU C 42 -13.56 -3.58 -13.51
C GLU C 42 -13.59 -3.61 -12.02
N ALA C 43 -12.67 -4.36 -11.42
CA ALA C 43 -12.66 -4.55 -9.99
C ALA C 43 -11.24 -4.48 -9.46
N ARG C 44 -11.17 -4.25 -8.16
CA ARG C 44 -9.92 -4.35 -7.39
C ARG C 44 -10.06 -5.51 -6.43
N SER C 45 -9.08 -6.43 -6.44
CA SER C 45 -9.05 -7.51 -5.48
C SER C 45 -8.62 -7.02 -4.10
N LEU C 46 -9.38 -7.36 -3.05
CA LEU C 46 -8.99 -7.00 -1.66
C LEU C 46 -7.97 -8.00 -1.07
N THR C 47 -7.58 -8.99 -1.88
CA THR C 47 -6.45 -9.89 -1.44
C THR C 47 -5.17 -9.46 -2.16
N THR C 48 -5.20 -9.36 -3.46
CA THR C 48 -3.94 -9.14 -4.19
C THR C 48 -3.65 -7.68 -4.54
N GLY C 49 -4.67 -6.82 -4.42
CA GLY C 49 -4.57 -5.45 -4.85
C GLY C 49 -4.62 -5.25 -6.35
N GLU C 50 -4.69 -6.32 -7.13
CA GLU C 50 -4.67 -6.16 -8.58
C GLU C 50 -6.02 -5.61 -9.00
N THR C 51 -6.02 -4.95 -10.14
CA THR C 51 -7.21 -4.42 -10.74
C THR C 51 -7.33 -4.96 -12.14
N GLY C 52 -8.57 -5.24 -12.54
CA GLY C 52 -8.83 -5.77 -13.86
C GLY C 52 -10.28 -6.18 -14.01
N TYR C 53 -10.59 -6.83 -15.11
CA TYR C 53 -11.98 -7.25 -15.35
C TYR C 53 -12.37 -8.63 -14.80
N ILE C 54 -13.59 -8.69 -14.32
CA ILE C 54 -14.14 -9.91 -13.76
C ILE C 54 -15.52 -10.16 -14.34
N PRO C 55 -15.86 -11.45 -14.49
CA PRO C 55 -17.23 -11.78 -14.99
C PRO C 55 -18.24 -11.53 -13.86
N SER C 56 -19.18 -10.61 -14.10
CA SER C 56 -20.07 -10.17 -13.04
C SER C 56 -20.98 -11.29 -12.51
N ASN C 57 -21.14 -12.37 -13.29
CA ASN C 57 -21.96 -13.51 -12.83
C ASN C 57 -21.27 -14.34 -11.74
N TYR C 58 -19.98 -14.06 -11.52
CA TYR C 58 -19.22 -14.83 -10.54
C TYR C 58 -19.25 -14.24 -9.13
N VAL C 59 -19.89 -13.09 -8.94
CA VAL C 59 -19.85 -12.40 -7.64
C VAL C 59 -21.24 -12.08 -7.12
N ALA C 60 -21.32 -11.85 -5.83
CA ALA C 60 -22.52 -11.35 -5.19
C ALA C 60 -22.15 -10.27 -4.19
N PRO C 61 -23.06 -9.33 -3.92
CA PRO C 61 -22.88 -8.44 -2.79
C PRO C 61 -22.71 -9.19 -1.49
N VAL C 62 -21.86 -8.68 -0.60
CA VAL C 62 -21.67 -9.28 0.71
C VAL C 62 -22.82 -9.05 1.64
N GLY D 4 17.12 10.75 7.14
CA GLY D 4 15.92 9.90 6.80
C GLY D 4 16.25 8.46 6.49
N VAL D 5 15.29 7.77 5.88
CA VAL D 5 15.45 6.41 5.40
C VAL D 5 16.53 6.33 4.32
N THR D 6 17.37 5.31 4.41
CA THR D 6 18.44 5.11 3.46
C THR D 6 17.92 4.33 2.28
N LEU D 7 17.91 4.93 1.09
CA LEU D 7 17.46 4.17 -0.08
C LEU D 7 18.65 3.51 -0.79
N PHE D 8 18.35 2.40 -1.43
CA PHE D 8 19.30 1.69 -2.23
C PHE D 8 18.76 1.47 -3.61
N VAL D 9 19.67 1.25 -4.58
CA VAL D 9 19.27 1.11 -6.00
C VAL D 9 19.91 -0.17 -6.55
N ALA D 10 19.15 -0.96 -7.30
CA ALA D 10 19.74 -2.14 -7.96
C ALA D 10 20.68 -1.76 -9.09
N LEU D 11 21.89 -2.33 -9.09
CA LEU D 11 22.81 -2.13 -10.21
C LEU D 11 22.74 -3.29 -11.22
N TYR D 12 22.08 -4.37 -10.82
CA TYR D 12 21.98 -5.57 -11.63
C TYR D 12 20.64 -6.23 -11.39
N ASP D 13 20.12 -6.95 -12.40
CA ASP D 13 18.92 -7.75 -12.16
C ASP D 13 19.24 -8.92 -11.27
N TYR D 14 18.23 -9.41 -10.56
CA TYR D 14 18.33 -10.59 -9.70
C TYR D 14 17.07 -11.46 -9.76
N GLU D 15 17.27 -12.76 -10.00
CA GLU D 15 16.20 -13.76 -9.95
C GLU D 15 16.12 -14.43 -8.57
N ALA D 16 14.98 -14.32 -7.92
CA ALA D 16 14.75 -14.98 -6.63
C ALA D 16 15.12 -16.46 -6.74
N ARG D 17 15.83 -17.00 -5.74
CA ARG D 17 16.25 -18.41 -5.75
C ARG D 17 15.47 -19.28 -4.76
N THR D 18 14.91 -18.66 -3.72
CA THR D 18 14.03 -19.32 -2.77
C THR D 18 12.74 -18.54 -2.63
N GLU D 19 11.77 -19.15 -1.93
CA GLU D 19 10.50 -18.52 -1.71
C GLU D 19 10.62 -17.19 -0.95
N ASP D 20 11.66 -17.05 -0.13
CA ASP D 20 11.82 -15.85 0.68
C ASP D 20 12.50 -14.69 -0.06
N ASP D 21 13.26 -15.01 -1.09
CA ASP D 21 14.01 -13.99 -1.83
C ASP D 21 13.06 -13.06 -2.58
N LEU D 22 13.58 -11.88 -2.84
CA LEU D 22 12.95 -10.90 -3.72
C LEU D 22 13.62 -10.87 -5.10
N SER D 23 12.84 -11.01 -6.17
CA SER D 23 13.30 -10.69 -7.52
C SER D 23 13.34 -9.18 -7.82
N PHE D 24 14.21 -8.76 -8.71
CA PHE D 24 14.27 -7.33 -9.03
C PHE D 24 15.06 -7.05 -10.27
N HIS D 25 14.91 -5.80 -10.76
CA HIS D 25 15.58 -5.31 -11.94
C HIS D 25 16.50 -4.15 -11.59
N LYS D 26 17.52 -4.02 -12.41
CA LYS D 26 18.44 -2.89 -12.38
C LYS D 26 17.62 -1.61 -12.41
N GLY D 27 17.91 -0.68 -11.49
CA GLY D 27 17.32 0.66 -11.46
C GLY D 27 16.24 0.79 -10.41
N GLU D 28 15.67 -0.33 -10.02
CA GLU D 28 14.67 -0.33 -8.95
C GLU D 28 15.27 0.09 -7.61
N LYS D 29 14.46 0.76 -6.80
CA LYS D 29 14.89 1.25 -5.49
C LYS D 29 14.26 0.46 -4.35
N PHE D 30 14.95 0.40 -3.21
CA PHE D 30 14.56 -0.39 -2.04
C PHE D 30 14.79 0.41 -0.77
N GLN D 31 14.01 0.08 0.24
CA GLN D 31 14.38 0.43 1.62
C GLN D 31 14.64 -0.86 2.34
N ILE D 32 15.56 -0.83 3.31
CA ILE D 32 15.96 -2.06 3.98
C ILE D 32 15.17 -2.18 5.27
N LEU D 33 14.62 -3.38 5.50
CA LEU D 33 13.82 -3.70 6.68
C LEU D 33 14.72 -4.34 7.74
N ASN D 34 15.78 -5.05 7.32
CA ASN D 34 16.72 -5.75 8.24
C ASN D 34 18.01 -6.06 7.53
N SER D 35 19.10 -5.54 8.08
CA SER D 35 20.41 -5.70 7.47
C SER D 35 21.38 -6.36 8.43
N SER D 36 20.85 -7.13 9.38
CA SER D 36 21.67 -7.82 10.36
C SER D 36 22.23 -9.13 9.79
N GLU D 37 21.83 -9.45 8.57
CA GLU D 37 22.29 -10.67 7.91
C GLU D 37 23.66 -10.47 7.27
N GLY D 38 24.02 -9.22 7.02
CA GLY D 38 25.29 -8.89 6.40
C GLY D 38 25.26 -9.07 4.90
N ASP D 39 25.25 -10.32 4.45
CA ASP D 39 25.23 -10.63 3.02
C ASP D 39 23.82 -10.53 2.43
N TRP D 40 22.80 -11.01 3.15
CA TRP D 40 21.41 -10.92 2.64
C TRP D 40 20.60 -9.97 3.49
N TRP D 41 19.89 -9.04 2.82
CA TRP D 41 19.13 -8.00 3.50
C TRP D 41 17.68 -8.23 3.25
N GLU D 42 16.86 -8.06 4.29
CA GLU D 42 15.41 -8.01 4.05
C GLU D 42 15.08 -6.61 3.56
N ALA D 43 14.47 -6.56 2.39
CA ALA D 43 14.19 -5.29 1.69
C ALA D 43 12.76 -5.22 1.20
N ARG D 44 12.35 -3.99 0.93
CA ARG D 44 11.05 -3.71 0.36
C ARG D 44 11.29 -3.04 -0.98
N SER D 45 10.71 -3.60 -2.04
CA SER D 45 10.78 -2.99 -3.37
C SER D 45 9.89 -1.79 -3.50
N LEU D 46 10.42 -0.64 -3.92
CA LEU D 46 9.58 0.51 -4.12
C LEU D 46 8.91 0.53 -5.51
N THR D 47 9.09 -0.56 -6.28
CA THR D 47 8.33 -0.76 -7.53
C THR D 47 7.21 -1.75 -7.31
N THR D 48 7.53 -2.92 -6.79
CA THR D 48 6.51 -3.95 -6.67
C THR D 48 5.83 -4.01 -5.32
N GLY D 49 6.39 -3.37 -4.30
CA GLY D 49 5.87 -3.48 -2.96
C GLY D 49 6.24 -4.80 -2.28
N GLU D 50 6.87 -5.72 -2.98
CA GLU D 50 7.12 -7.05 -2.42
C GLU D 50 8.25 -6.92 -1.38
N THR D 51 8.27 -7.82 -0.41
CA THR D 51 9.35 -7.83 0.54
C THR D 51 10.02 -9.19 0.56
N GLY D 52 11.28 -9.17 0.93
CA GLY D 52 12.07 -10.40 0.90
C GLY D 52 13.55 -10.12 0.86
N TYR D 53 14.31 -11.20 0.88
CA TYR D 53 15.75 -11.07 0.95
C TYR D 53 16.36 -10.75 -0.41
N ILE D 54 17.39 -9.90 -0.36
CA ILE D 54 18.14 -9.48 -1.52
C ILE D 54 19.66 -9.63 -1.22
N PRO D 55 20.46 -9.98 -2.22
CA PRO D 55 21.94 -9.98 -1.98
C PRO D 55 22.48 -8.55 -1.90
N SER D 56 23.28 -8.24 -0.88
CA SER D 56 23.62 -6.83 -0.64
C SER D 56 24.62 -6.31 -1.68
N ASN D 57 25.28 -7.20 -2.42
CA ASN D 57 26.28 -6.73 -3.43
C ASN D 57 25.62 -6.42 -4.77
N TYR D 58 24.29 -6.62 -4.85
CA TYR D 58 23.55 -6.26 -6.09
C TYR D 58 22.99 -4.85 -6.05
N VAL D 59 23.00 -4.23 -4.86
CA VAL D 59 22.38 -2.91 -4.67
C VAL D 59 23.46 -1.95 -4.18
N ALA D 60 23.28 -0.66 -4.43
CA ALA D 60 24.16 0.41 -3.94
C ALA D 60 23.35 1.43 -3.15
N PRO D 61 23.98 2.18 -2.22
CA PRO D 61 23.24 3.25 -1.60
C PRO D 61 23.01 4.32 -2.68
N VAL D 62 21.82 4.92 -2.68
CA VAL D 62 21.51 5.98 -3.61
C VAL D 62 22.38 7.23 -3.34
N ASP D 63 22.58 7.59 -2.08
CA ASP D 63 23.40 8.75 -1.77
C ASP D 63 24.62 8.37 -0.94
N SER D 64 25.64 9.24 -0.99
CA SER D 64 26.70 9.27 0.00
C SER D 64 26.36 10.30 1.07
C ACE E 1 -17.85 17.30 8.92
O ACE E 1 -18.73 17.33 8.03
CH3 ACE E 1 -16.54 18.05 8.79
N ALA E 2 -18.08 16.77 10.11
CA ALA E 2 -17.12 16.86 11.23
C ALA E 2 -15.75 16.27 10.87
N PRO E 3 -14.67 16.90 11.33
CA PRO E 3 -13.33 16.29 11.15
C PRO E 3 -13.09 15.07 12.04
N PRO E 4 -12.06 14.31 11.68
CA PRO E 4 -11.67 13.27 12.62
C PRO E 4 -11.35 13.82 14.01
N ILE E 5 -11.77 13.11 15.05
CA ILE E 5 -11.30 13.47 16.38
C ILE E 5 -9.81 13.32 16.57
N PRO E 6 -9.23 14.05 17.53
CA PRO E 6 -7.81 13.90 17.77
C PRO E 6 -7.48 12.50 18.33
N PRO E 7 -6.22 12.08 18.24
CA PRO E 7 -5.77 10.87 18.93
C PRO E 7 -6.01 10.93 20.45
N PRO E 8 -6.21 9.77 21.10
CA PRO E 8 -6.69 9.78 22.49
C PRO E 8 -5.72 10.54 23.41
N ARG E 9 -6.23 11.06 24.51
CA ARG E 9 -5.43 11.80 25.47
C ARG E 9 -4.06 11.15 25.66
N ALA F 2 27.63 -9.42 -13.71
CA ALA F 2 26.98 -9.35 -12.35
C ALA F 2 27.85 -9.95 -11.26
N PRO F 3 27.79 -9.39 -10.06
CA PRO F 3 28.58 -9.90 -8.92
C PRO F 3 28.24 -11.36 -8.49
N PRO F 4 29.15 -12.08 -7.82
CA PRO F 4 28.73 -13.38 -7.27
C PRO F 4 27.75 -13.39 -6.06
N ILE F 5 26.66 -14.11 -6.23
CA ILE F 5 25.68 -14.31 -5.16
C ILE F 5 26.37 -14.82 -3.90
N PRO F 6 26.02 -14.22 -2.76
CA PRO F 6 26.61 -14.59 -1.45
C PRO F 6 26.15 -15.95 -0.94
N PRO F 7 26.81 -16.51 0.07
CA PRO F 7 26.41 -17.84 0.58
C PRO F 7 24.94 -17.90 1.01
N PRO F 8 24.28 -19.05 0.85
CA PRO F 8 22.89 -19.17 1.29
C PRO F 8 22.78 -19.00 2.80
N ARG F 9 21.55 -18.83 3.28
CA ARG F 9 21.28 -18.56 4.68
C ARG F 9 21.16 -19.88 5.45
C1 GOL G . -18.24 10.54 12.44
O1 GOL G . -17.97 9.83 13.64
C2 GOL G . -18.27 9.41 11.38
O2 GOL G . -19.28 8.47 11.54
C3 GOL G . -18.15 9.83 9.91
O3 GOL G . -19.35 9.64 9.22
CL CL H . -17.47 -9.15 12.62
NA NA I . 0.47 -4.21 -3.69
ZN ZN J . -6.62 -15.63 -5.30
C FMT K . -5.87 -14.52 -7.69
O1 FMT K . -5.10 -15.46 -7.88
O2 FMT K . -6.52 -14.37 -6.65
ZN ZN L . 11.33 -5.57 -11.45
C FMT M . 10.74 -7.80 -9.91
O1 FMT M . 11.13 -6.61 -9.82
O2 FMT M . 10.56 -8.40 -11.01
#